data_3GDI
#
_entry.id   3GDI
#
_cell.length_a   69.670
_cell.length_b   63.380
_cell.length_c   72.510
_cell.angle_alpha   90.000
_cell.angle_beta   102.250
_cell.angle_gamma   90.000
#
_symmetry.space_group_name_H-M   'P 1 21 1'
#
loop_
_entity.id
_entity.type
_entity.pdbx_description
1 polymer 'Period circadian protein homolog 2'
2 water water
#
_entity_poly.entity_id   1
_entity_poly.type   'polypeptide(L)'
_entity_poly.pdbx_seq_one_letter_code
;GPLGSSYSMEQVEGITSEYIVKNADMFAVAVSLVSGKILYISNQVASIFHCKKDAFSDAKFVEFLAPHDVSVFHSYTTPY
KLPPWSVCSGLDSFTQECMEEKSFFCRVSVGKHHENEIRYQPFRMTPYLVKVQEQQGAESQLCCLLLAERVHSGYEAPRI
PPEKRIFTTTHTPNCLFQAVDERAVPLLGYLPQDLIETPVLVQLHPSDRPLMLAIHKKILQAGGQPFDYSPIRFRTRNGE
YITLDTSWSSFINPWSRKISFIIGRHKVRVGPLNEDVFAAPPCPEEKTPHPSVQELTEQIHRLLMQPVP
;
_entity_poly.pdbx_strand_id   A,B
#
# COMPACT_ATOMS: atom_id res chain seq x y z
N GLY A 4 -17.46 -5.12 25.87
CA GLY A 4 -17.45 -6.02 27.05
C GLY A 4 -18.46 -7.14 26.93
N SER A 5 -18.20 -8.07 26.01
CA SER A 5 -19.10 -9.19 25.78
C SER A 5 -18.37 -10.29 24.98
N SER A 6 -18.45 -11.51 25.47
CA SER A 6 -17.80 -12.64 24.81
C SER A 6 -18.83 -13.66 24.33
N TYR A 7 -19.01 -13.75 23.02
CA TYR A 7 -19.96 -14.68 22.43
C TYR A 7 -19.48 -16.12 22.61
N SER A 8 -18.48 -16.51 21.83
CA SER A 8 -17.90 -17.84 21.89
C SER A 8 -18.90 -18.99 21.86
N MET A 9 -18.38 -20.20 22.03
CA MET A 9 -19.18 -21.42 22.03
C MET A 9 -20.07 -21.50 20.80
N GLU A 10 -21.37 -21.65 21.03
CA GLU A 10 -22.32 -21.75 19.94
C GLU A 10 -22.90 -20.37 19.58
N GLN A 11 -22.70 -19.40 20.45
CA GLN A 11 -23.22 -18.06 20.20
C GLN A 11 -22.60 -17.47 18.95
N VAL A 12 -21.67 -18.20 18.35
CA VAL A 12 -21.01 -17.77 17.13
C VAL A 12 -21.88 -18.14 15.94
N GLU A 13 -23.11 -18.56 16.22
CA GLU A 13 -24.03 -18.96 15.16
C GLU A 13 -24.72 -17.79 14.45
N GLY A 14 -24.94 -17.99 13.16
CA GLY A 14 -25.57 -16.98 12.32
C GLY A 14 -25.41 -17.45 10.89
N ILE A 15 -26.00 -18.60 10.59
CA ILE A 15 -25.93 -19.19 9.25
C ILE A 15 -26.39 -18.22 8.17
N THR A 16 -25.71 -18.26 7.03
CA THR A 16 -26.04 -17.40 5.90
C THR A 16 -26.66 -18.25 4.80
N SER A 17 -26.46 -19.56 4.91
CA SER A 17 -27.01 -20.50 3.93
C SER A 17 -28.50 -20.28 3.80
N GLU A 18 -29.19 -20.28 4.95
CA GLU A 18 -30.63 -20.07 4.98
C GLU A 18 -30.97 -18.64 5.36
N ASN A 23 -25.65 -18.97 1.24
CA ASN A 23 -24.74 -19.32 0.16
C ASN A 23 -24.10 -20.68 0.40
N ALA A 24 -24.07 -21.49 -0.65
CA ALA A 24 -23.47 -22.82 -0.56
C ALA A 24 -21.96 -22.68 -0.67
N ASP A 25 -21.49 -21.45 -0.82
CA ASP A 25 -20.05 -21.19 -0.95
C ASP A 25 -19.45 -20.37 0.19
N MET A 26 -20.23 -20.10 1.23
CA MET A 26 -19.72 -19.34 2.36
C MET A 26 -19.42 -20.21 3.58
N PHE A 27 -18.71 -19.63 4.55
CA PHE A 27 -18.38 -20.31 5.78
C PHE A 27 -17.81 -19.31 6.77
N ALA A 28 -17.92 -19.62 8.05
CA ALA A 28 -17.43 -18.74 9.09
C ALA A 28 -16.32 -19.44 9.87
N VAL A 29 -15.43 -18.65 10.46
CA VAL A 29 -14.32 -19.20 11.23
C VAL A 29 -13.82 -18.18 12.24
N ALA A 30 -13.58 -18.65 13.47
CA ALA A 30 -13.08 -17.80 14.54
C ALA A 30 -11.65 -18.24 14.78
N VAL A 31 -10.72 -17.30 14.76
CA VAL A 31 -9.31 -17.62 14.93
C VAL A 31 -8.65 -16.88 16.09
N SER A 32 -8.07 -17.64 17.00
CA SER A 32 -7.39 -17.06 18.16
C SER A 32 -6.40 -16.02 17.69
N LEU A 33 -6.54 -14.79 18.18
CA LEU A 33 -5.66 -13.71 17.80
C LEU A 33 -4.25 -13.92 18.36
N VAL A 34 -4.13 -14.86 19.30
CA VAL A 34 -2.85 -15.16 19.93
C VAL A 34 -2.25 -16.46 19.38
N SER A 35 -3.08 -17.51 19.32
CA SER A 35 -2.67 -18.82 18.84
C SER A 35 -2.59 -18.95 17.32
N GLY A 36 -3.65 -18.52 16.64
CA GLY A 36 -3.71 -18.64 15.20
C GLY A 36 -4.54 -19.89 14.99
N LYS A 37 -4.89 -20.52 16.10
CA LYS A 37 -5.69 -21.74 16.12
C LYS A 37 -7.14 -21.45 15.73
N ILE A 38 -7.77 -22.42 15.07
CA ILE A 38 -9.17 -22.27 14.67
C ILE A 38 -10.03 -22.63 15.87
N LEU A 39 -10.51 -21.62 16.59
CA LEU A 39 -11.36 -21.86 17.76
C LEU A 39 -12.71 -22.42 17.29
N TYR A 40 -13.35 -21.74 16.35
CA TYR A 40 -14.63 -22.17 15.80
C TYR A 40 -14.59 -22.19 14.27
N ILE A 41 -15.18 -23.23 13.68
CA ILE A 41 -15.22 -23.35 12.23
C ILE A 41 -16.65 -23.71 11.81
N SER A 42 -17.20 -22.95 10.86
CA SER A 42 -18.56 -23.17 10.38
C SER A 42 -18.67 -24.43 9.53
N ASN A 43 -19.86 -25.02 9.51
CA ASN A 43 -20.11 -26.22 8.73
C ASN A 43 -20.10 -25.91 7.24
N GLN A 44 -20.35 -26.93 6.41
CA GLN A 44 -20.37 -26.77 4.96
C GLN A 44 -18.95 -26.60 4.39
N VAL A 45 -17.98 -26.41 5.27
CA VAL A 45 -16.59 -26.25 4.84
C VAL A 45 -16.11 -27.48 4.09
N ALA A 46 -16.25 -28.66 4.70
CA ALA A 46 -15.82 -29.90 4.06
C ALA A 46 -16.61 -30.07 2.77
N SER A 47 -17.81 -29.48 2.74
CA SER A 47 -18.69 -29.55 1.58
C SER A 47 -18.05 -28.86 0.38
N ILE A 48 -17.69 -27.59 0.55
CA ILE A 48 -17.06 -26.83 -0.52
C ILE A 48 -15.61 -27.27 -0.75
N PHE A 49 -15.24 -28.39 -0.13
CA PHE A 49 -13.89 -28.95 -0.27
C PHE A 49 -13.95 -30.48 -0.29
N SER A 57 -10.07 -30.81 10.89
CA SER A 57 -8.91 -29.91 10.80
C SER A 57 -8.41 -29.49 12.18
N ASP A 58 -8.89 -28.34 12.65
CA ASP A 58 -8.51 -27.80 13.95
C ASP A 58 -7.00 -27.58 14.15
N ALA A 59 -6.50 -26.48 13.58
CA ALA A 59 -5.09 -26.10 13.65
C ALA A 59 -5.00 -24.59 13.41
N LYS A 60 -3.86 -24.12 12.92
CA LYS A 60 -3.74 -22.70 12.62
C LYS A 60 -4.41 -22.47 11.27
N PHE A 61 -5.33 -21.50 11.20
CA PHE A 61 -6.03 -21.23 9.94
C PHE A 61 -5.08 -20.86 8.81
N VAL A 62 -4.01 -20.15 9.11
CA VAL A 62 -3.09 -19.76 8.05
C VAL A 62 -2.50 -20.94 7.30
N GLU A 63 -2.42 -22.10 7.94
CA GLU A 63 -1.85 -23.27 7.28
C GLU A 63 -2.65 -23.75 6.07
N PHE A 64 -3.90 -23.33 5.95
CA PHE A 64 -4.75 -23.71 4.81
C PHE A 64 -4.84 -22.63 3.75
N LEU A 65 -3.98 -21.62 3.84
CA LEU A 65 -3.94 -20.51 2.89
C LEU A 65 -2.76 -20.65 1.93
N ALA A 66 -2.86 -20.02 0.77
CA ALA A 66 -1.75 -20.05 -0.16
C ALA A 66 -0.62 -19.41 0.65
N PRO A 67 0.60 -19.95 0.54
CA PRO A 67 1.72 -19.38 1.30
C PRO A 67 1.95 -17.88 1.08
N HIS A 68 1.62 -17.38 -0.11
CA HIS A 68 1.79 -15.96 -0.40
C HIS A 68 0.73 -15.09 0.26
N ASP A 69 -0.43 -15.69 0.56
CA ASP A 69 -1.53 -14.94 1.16
C ASP A 69 -1.49 -14.86 2.68
N VAL A 70 -0.60 -15.61 3.30
CA VAL A 70 -0.47 -15.61 4.76
C VAL A 70 -0.14 -14.23 5.31
N SER A 71 0.88 -13.58 4.74
CA SER A 71 1.30 -12.24 5.19
C SER A 71 0.13 -11.28 5.01
N VAL A 72 -0.65 -11.50 3.96
CA VAL A 72 -1.82 -10.67 3.67
C VAL A 72 -2.86 -10.83 4.78
N PHE A 73 -3.18 -12.08 5.12
CA PHE A 73 -4.15 -12.41 6.16
C PHE A 73 -3.81 -11.75 7.50
N HIS A 74 -2.54 -11.79 7.88
CA HIS A 74 -2.12 -11.19 9.14
C HIS A 74 -2.26 -9.68 9.09
N SER A 75 -1.91 -9.10 7.96
CA SER A 75 -2.01 -7.65 7.78
C SER A 75 -3.43 -7.14 7.97
N TYR A 76 -4.40 -7.81 7.37
CA TYR A 76 -5.79 -7.39 7.47
C TYR A 76 -6.51 -7.89 8.72
N THR A 77 -5.82 -8.69 9.53
CA THR A 77 -6.44 -9.21 10.74
C THR A 77 -5.72 -8.62 11.94
N THR A 78 -4.83 -7.67 11.68
CA THR A 78 -4.07 -6.98 12.71
C THR A 78 -5.05 -6.30 13.66
N PRO A 79 -4.89 -6.50 14.97
CA PRO A 79 -5.74 -5.92 16.02
C PRO A 79 -6.13 -4.45 15.87
N TYR A 80 -5.16 -3.55 15.80
CA TYR A 80 -5.49 -2.12 15.68
C TYR A 80 -6.33 -1.82 14.43
N LYS A 81 -6.72 -2.85 13.71
CA LYS A 81 -7.56 -2.69 12.53
C LYS A 81 -8.83 -3.45 12.85
N LEU A 82 -9.61 -3.77 11.82
CA LEU A 82 -10.85 -4.52 12.02
C LEU A 82 -11.85 -3.76 12.88
N PRO A 83 -13.15 -4.04 12.69
CA PRO A 83 -14.20 -3.38 13.46
C PRO A 83 -14.88 -4.39 14.40
N PRO A 84 -15.09 -4.01 15.68
CA PRO A 84 -15.74 -4.91 16.64
C PRO A 84 -17.11 -5.29 16.09
N TRP A 85 -17.50 -6.54 16.24
CA TRP A 85 -18.80 -6.96 15.74
C TRP A 85 -19.90 -6.16 16.43
N SER A 86 -20.44 -5.18 15.72
CA SER A 86 -21.49 -4.33 16.25
C SER A 86 -21.13 -3.76 17.62
N GLU A 101 -14.99 -1.48 1.23
CA GLU A 101 -15.25 -2.31 2.40
C GLU A 101 -13.92 -2.78 2.99
N LYS A 102 -13.96 -3.24 4.24
CA LYS A 102 -12.74 -3.71 4.91
C LYS A 102 -12.59 -5.22 4.77
N SER A 103 -12.69 -5.71 3.52
CA SER A 103 -12.54 -7.13 3.21
C SER A 103 -11.32 -7.34 2.33
N PHE A 104 -10.68 -8.49 2.48
CA PHE A 104 -9.51 -8.82 1.68
C PHE A 104 -9.73 -10.20 1.07
N PHE A 105 -8.83 -10.63 0.19
CA PHE A 105 -8.96 -11.93 -0.46
C PHE A 105 -7.84 -12.91 -0.14
N CYS A 106 -8.20 -14.18 -0.06
CA CYS A 106 -7.26 -15.25 0.23
C CYS A 106 -7.63 -16.53 -0.50
N ARG A 107 -6.62 -17.30 -0.90
CA ARG A 107 -6.85 -18.56 -1.57
C ARG A 107 -6.74 -19.63 -0.49
N VAL A 108 -7.78 -20.44 -0.34
CA VAL A 108 -7.81 -21.47 0.69
C VAL A 108 -7.81 -22.88 0.11
N SER A 109 -7.17 -23.81 0.83
CA SER A 109 -7.09 -25.20 0.40
C SER A 109 -7.01 -26.15 1.59
N VAL A 110 -7.85 -27.19 1.57
CA VAL A 110 -7.84 -28.18 2.63
C VAL A 110 -6.79 -29.23 2.26
N GLY A 111 -5.56 -28.78 2.09
CA GLY A 111 -4.47 -29.66 1.72
C GLY A 111 -4.72 -30.45 0.45
N LYS A 112 -3.76 -31.32 0.12
CA LYS A 112 -3.85 -32.15 -1.08
C LYS A 112 -3.25 -33.52 -0.77
N GLU A 117 -0.61 -31.98 -7.14
CA GLU A 117 -0.49 -30.64 -6.59
C GLU A 117 -1.74 -30.16 -5.86
N ILE A 118 -1.55 -29.16 -5.02
CA ILE A 118 -2.61 -28.57 -4.22
C ILE A 118 -3.61 -27.74 -5.03
N ARG A 119 -4.87 -27.75 -4.60
CA ARG A 119 -5.91 -27.00 -5.28
C ARG A 119 -6.51 -25.90 -4.39
N TYR A 120 -6.33 -24.66 -4.81
CA TYR A 120 -6.83 -23.51 -4.08
C TYR A 120 -8.11 -22.93 -4.68
N GLN A 121 -8.84 -22.17 -3.87
CA GLN A 121 -10.06 -21.52 -4.32
C GLN A 121 -10.10 -20.15 -3.68
N PRO A 122 -10.23 -19.10 -4.50
CA PRO A 122 -10.28 -17.72 -3.98
C PRO A 122 -11.47 -17.49 -3.06
N PHE A 123 -11.24 -16.74 -1.99
CA PHE A 123 -12.30 -16.44 -1.02
C PHE A 123 -12.25 -14.98 -0.61
N ARG A 124 -13.41 -14.35 -0.52
CA ARG A 124 -13.47 -12.97 -0.11
C ARG A 124 -13.74 -13.08 1.37
N MET A 125 -12.98 -12.37 2.19
CA MET A 125 -13.18 -12.46 3.62
C MET A 125 -13.33 -11.12 4.33
N THR A 126 -14.23 -11.08 5.30
CA THR A 126 -14.47 -9.87 6.07
C THR A 126 -14.12 -10.23 7.51
N PRO A 127 -13.15 -9.50 8.10
CA PRO A 127 -12.67 -9.70 9.47
C PRO A 127 -13.40 -8.90 10.55
N TYR A 128 -13.76 -9.60 11.62
CA TYR A 128 -14.45 -8.98 12.76
C TYR A 128 -13.76 -9.36 14.07
N LEU A 129 -13.56 -8.37 14.93
CA LEU A 129 -12.93 -8.60 16.23
C LEU A 129 -14.00 -9.15 17.17
N VAL A 130 -13.73 -10.30 17.79
CA VAL A 130 -14.69 -10.93 18.71
C VAL A 130 -14.06 -11.71 19.87
N LYS A 131 -14.65 -11.59 21.05
CA LYS A 131 -14.15 -12.27 22.25
C LYS A 131 -14.71 -13.69 22.44
N VAL A 132 -13.91 -14.55 23.05
CA VAL A 132 -14.31 -15.93 23.29
C VAL A 132 -14.20 -16.29 24.78
N GLN A 141 -10.70 -14.17 26.15
CA GLN A 141 -9.72 -13.91 25.10
C GLN A 141 -10.40 -13.29 23.88
N LEU A 142 -9.78 -12.26 23.32
CA LEU A 142 -10.33 -11.60 22.13
C LEU A 142 -9.64 -12.14 20.89
N CYS A 143 -10.43 -12.72 19.98
CA CYS A 143 -9.91 -13.28 18.74
C CYS A 143 -10.39 -12.52 17.50
N CYS A 144 -10.68 -13.25 16.43
CA CYS A 144 -11.14 -12.66 15.17
C CYS A 144 -12.02 -13.59 14.36
N LEU A 145 -13.26 -13.21 14.13
CA LEU A 145 -14.15 -14.05 13.35
C LEU A 145 -14.10 -13.50 11.93
N LEU A 146 -14.38 -14.36 10.96
CA LEU A 146 -14.35 -13.94 9.57
C LEU A 146 -15.40 -14.64 8.73
N LEU A 147 -16.08 -13.85 7.91
CA LEU A 147 -17.09 -14.40 7.02
C LEU A 147 -16.36 -14.57 5.69
N ALA A 148 -16.28 -15.81 5.22
CA ALA A 148 -15.59 -16.10 3.97
C ALA A 148 -16.53 -16.56 2.89
N GLU A 149 -16.47 -15.90 1.74
CA GLU A 149 -17.33 -16.24 0.62
C GLU A 149 -16.49 -16.63 -0.60
N ARG A 150 -16.79 -17.79 -1.15
CA ARG A 150 -16.07 -18.29 -2.32
C ARG A 150 -16.39 -17.34 -3.49
N VAL A 151 -15.36 -16.96 -4.24
CA VAL A 151 -15.51 -16.05 -5.37
C VAL A 151 -15.56 -16.78 -6.71
N HIS A 152 -16.48 -16.35 -7.57
CA HIS A 152 -16.66 -16.95 -8.89
C HIS A 152 -16.31 -16.04 -10.05
N SER A 153 -15.68 -16.63 -11.07
CA SER A 153 -15.32 -15.89 -12.26
C SER A 153 -16.55 -15.22 -12.82
N GLY A 154 -16.49 -13.90 -13.02
CA GLY A 154 -17.65 -13.18 -13.55
C GLY A 154 -18.00 -13.54 -14.98
N TYR A 155 -17.25 -14.45 -15.59
CA TYR A 155 -17.50 -14.86 -16.96
C TYR A 155 -18.20 -16.22 -17.04
N GLU A 156 -18.71 -16.70 -15.91
CA GLU A 156 -19.40 -17.99 -15.89
C GLU A 156 -20.60 -17.96 -14.95
N ALA A 157 -21.70 -18.56 -15.39
CA ALA A 157 -22.94 -18.63 -14.62
C ALA A 157 -22.70 -18.66 -13.12
N PRO A 158 -23.21 -17.66 -12.39
CA PRO A 158 -23.99 -16.51 -12.88
C PRO A 158 -23.08 -15.45 -13.50
N ARG A 159 -23.17 -15.27 -14.81
CA ARG A 159 -22.34 -14.30 -15.50
C ARG A 159 -22.68 -12.87 -15.20
N ILE A 160 -21.67 -12.10 -14.81
CA ILE A 160 -21.84 -10.68 -14.51
C ILE A 160 -22.30 -9.95 -15.78
N PRO A 161 -23.43 -9.24 -15.69
CA PRO A 161 -23.91 -8.52 -16.88
C PRO A 161 -22.80 -7.63 -17.47
N PRO A 162 -22.59 -7.71 -18.78
CA PRO A 162 -21.55 -6.91 -19.44
C PRO A 162 -21.54 -5.41 -19.12
N GLU A 163 -22.72 -4.84 -18.86
CA GLU A 163 -22.81 -3.42 -18.56
C GLU A 163 -22.33 -3.12 -17.15
N LYS A 164 -22.04 -4.16 -16.39
CA LYS A 164 -21.59 -3.98 -15.03
C LYS A 164 -20.23 -4.63 -14.75
N ARG A 165 -19.53 -5.02 -15.80
CA ARG A 165 -18.21 -5.62 -15.66
C ARG A 165 -17.25 -4.45 -15.62
N ILE A 166 -17.29 -3.73 -14.51
CA ILE A 166 -16.49 -2.55 -14.29
C ILE A 166 -15.59 -2.67 -13.07
N PHE A 167 -14.32 -2.37 -13.26
CA PHE A 167 -13.38 -2.39 -12.14
C PHE A 167 -12.41 -1.21 -12.30
N THR A 168 -11.77 -0.80 -11.21
CA THR A 168 -10.83 0.31 -11.29
C THR A 168 -9.43 -0.07 -10.82
N THR A 169 -8.44 0.68 -11.29
CA THR A 169 -7.06 0.46 -10.91
C THR A 169 -6.47 1.83 -10.61
N THR A 170 -5.51 1.84 -9.69
CA THR A 170 -4.82 3.06 -9.30
C THR A 170 -3.33 2.80 -9.36
N HIS A 171 -2.54 3.74 -9.86
CA HIS A 171 -1.11 3.55 -9.87
C HIS A 171 -0.34 4.84 -9.63
N THR A 172 0.86 4.70 -9.06
CA THR A 172 1.71 5.83 -8.77
C THR A 172 2.46 6.25 -10.04
N PRO A 173 3.12 7.41 -10.00
CA PRO A 173 3.84 7.84 -11.21
C PRO A 173 4.87 6.84 -11.70
N ASN A 174 5.50 6.10 -10.79
CA ASN A 174 6.51 5.10 -11.19
C ASN A 174 5.84 3.93 -11.90
N CYS A 175 4.54 4.03 -12.11
CA CYS A 175 3.77 3.01 -12.81
C CYS A 175 3.62 1.63 -12.18
N LEU A 176 3.64 1.55 -10.86
CA LEU A 176 3.42 0.30 -10.15
C LEU A 176 2.01 0.43 -9.57
N PHE A 177 1.20 -0.61 -9.67
CA PHE A 177 -0.17 -0.55 -9.13
C PHE A 177 -0.12 -0.12 -7.67
N GLN A 178 -1.15 0.60 -7.23
CA GLN A 178 -1.23 1.03 -5.83
C GLN A 178 -2.40 0.30 -5.18
N ALA A 179 -3.40 0.01 -6.01
CA ALA A 179 -4.57 -0.68 -5.56
C ALA A 179 -5.38 -1.13 -6.76
N VAL A 180 -6.20 -2.13 -6.53
CA VAL A 180 -7.10 -2.69 -7.53
C VAL A 180 -8.38 -2.85 -6.71
N ASP A 181 -9.51 -2.41 -7.26
CA ASP A 181 -10.73 -2.53 -6.48
C ASP A 181 -11.31 -3.94 -6.54
N GLU A 182 -12.10 -4.26 -5.52
CA GLU A 182 -12.68 -5.59 -5.40
C GLU A 182 -13.40 -6.15 -6.62
N ARG A 183 -14.00 -5.30 -7.43
CA ARG A 183 -14.73 -5.77 -8.61
C ARG A 183 -13.78 -6.38 -9.63
N ALA A 184 -12.50 -6.10 -9.48
CA ALA A 184 -11.49 -6.61 -10.39
C ALA A 184 -11.16 -8.08 -10.21
N VAL A 185 -11.18 -8.56 -8.96
CA VAL A 185 -10.85 -9.96 -8.72
C VAL A 185 -11.65 -10.90 -9.61
N PRO A 186 -12.98 -10.77 -9.62
CA PRO A 186 -13.80 -11.65 -10.46
C PRO A 186 -13.59 -11.44 -11.96
N LEU A 187 -13.12 -10.28 -12.37
CA LEU A 187 -12.93 -10.03 -13.80
C LEU A 187 -11.50 -10.29 -14.29
N LEU A 188 -10.56 -10.46 -13.36
CA LEU A 188 -9.17 -10.68 -13.76
C LEU A 188 -8.56 -12.01 -13.33
N GLY A 189 -9.00 -12.53 -12.20
CA GLY A 189 -8.44 -13.79 -11.72
C GLY A 189 -7.37 -13.57 -10.67
N TYR A 190 -6.83 -12.36 -10.61
CA TYR A 190 -5.80 -12.04 -9.61
C TYR A 190 -6.44 -11.52 -8.35
N LEU A 191 -5.77 -11.71 -7.22
CA LEU A 191 -6.24 -11.16 -5.95
C LEU A 191 -5.47 -9.84 -5.83
N PRO A 192 -6.06 -8.81 -5.19
CA PRO A 192 -5.36 -7.53 -5.07
C PRO A 192 -3.85 -7.59 -4.82
N GLN A 193 -3.43 -8.46 -3.92
CA GLN A 193 -2.02 -8.57 -3.56
C GLN A 193 -1.10 -9.09 -4.65
N ASP A 194 -1.66 -9.69 -5.70
CA ASP A 194 -0.84 -10.21 -6.79
C ASP A 194 -0.37 -9.08 -7.71
N LEU A 195 -1.16 -8.01 -7.77
CA LEU A 195 -0.88 -6.86 -8.63
C LEU A 195 -0.31 -5.64 -7.93
N ILE A 196 -0.53 -5.50 -6.62
CA ILE A 196 -0.02 -4.34 -5.92
C ILE A 196 1.51 -4.30 -5.95
N GLU A 197 2.06 -3.17 -6.37
CA GLU A 197 3.51 -2.96 -6.45
C GLU A 197 4.20 -3.60 -7.66
N THR A 198 3.43 -4.00 -8.66
CA THR A 198 4.02 -4.59 -9.85
C THR A 198 3.81 -3.64 -11.03
N PRO A 199 4.63 -3.75 -12.08
CA PRO A 199 4.49 -2.86 -13.24
C PRO A 199 3.15 -2.97 -13.92
N VAL A 200 2.51 -1.82 -14.12
CA VAL A 200 1.24 -1.75 -14.80
C VAL A 200 1.41 -2.28 -16.21
N LEU A 201 2.46 -1.80 -16.88
CA LEU A 201 2.75 -2.18 -18.26
C LEU A 201 2.92 -3.67 -18.53
N VAL A 202 3.33 -4.40 -17.51
CA VAL A 202 3.53 -5.84 -17.66
C VAL A 202 2.22 -6.55 -17.98
N GLN A 203 1.13 -6.11 -17.35
CA GLN A 203 -0.18 -6.71 -17.59
C GLN A 203 -0.78 -6.34 -18.94
N LEU A 204 -0.25 -5.33 -19.60
CA LEU A 204 -0.81 -4.94 -20.89
C LEU A 204 -0.25 -5.77 -22.03
N HIS A 205 -1.03 -5.94 -23.08
CA HIS A 205 -0.57 -6.69 -24.23
C HIS A 205 0.64 -5.94 -24.76
N PRO A 206 1.68 -6.66 -25.20
CA PRO A 206 2.88 -6.01 -25.73
C PRO A 206 2.64 -4.97 -26.84
N SER A 207 1.52 -5.08 -27.54
CA SER A 207 1.22 -4.12 -28.62
C SER A 207 0.42 -2.91 -28.14
N ASP A 208 0.02 -2.91 -26.88
CA ASP A 208 -0.74 -1.81 -26.32
C ASP A 208 0.07 -1.07 -25.26
N ARG A 209 1.35 -1.42 -25.15
CA ARG A 209 2.22 -0.78 -24.18
C ARG A 209 2.66 0.60 -24.63
N PRO A 210 3.14 0.72 -25.87
CA PRO A 210 3.55 2.05 -26.33
C PRO A 210 2.39 3.04 -26.23
N LEU A 211 1.16 2.53 -26.32
CA LEU A 211 -0.01 3.39 -26.23
C LEU A 211 -0.03 4.09 -24.88
N MET A 212 0.47 3.41 -23.85
CA MET A 212 0.49 3.97 -22.51
C MET A 212 1.22 5.30 -22.45
N LEU A 213 2.23 5.47 -23.30
CA LEU A 213 2.99 6.71 -23.31
C LEU A 213 2.11 7.88 -23.71
N ALA A 214 1.26 7.67 -24.72
CA ALA A 214 0.37 8.71 -25.20
C ALA A 214 -0.77 8.93 -24.22
N ILE A 215 -1.16 7.86 -23.55
CA ILE A 215 -2.25 7.97 -22.61
C ILE A 215 -1.82 8.86 -21.45
N HIS A 216 -0.61 8.68 -20.94
CA HIS A 216 -0.20 9.52 -19.83
C HIS A 216 -0.02 10.98 -20.24
N LYS A 217 0.45 11.21 -21.46
CA LYS A 217 0.62 12.57 -21.96
C LYS A 217 -0.73 13.29 -21.94
N LYS A 218 -1.78 12.59 -22.36
CA LYS A 218 -3.10 13.20 -22.36
C LYS A 218 -3.60 13.36 -20.92
N ILE A 219 -3.24 12.42 -20.05
CA ILE A 219 -3.70 12.49 -18.67
C ILE A 219 -3.23 13.74 -17.93
N LEU A 220 -1.94 14.06 -18.01
CA LEU A 220 -1.50 15.24 -17.29
C LEU A 220 -1.93 16.48 -18.07
N GLN A 221 -2.15 16.30 -19.37
CA GLN A 221 -2.59 17.40 -20.22
C GLN A 221 -4.05 17.71 -19.86
N ALA A 222 -4.82 16.67 -19.58
CA ALA A 222 -6.23 16.82 -19.22
C ALA A 222 -6.39 17.41 -17.83
N GLY A 223 -5.27 17.52 -17.12
CA GLY A 223 -5.29 18.07 -15.77
C GLY A 223 -6.35 17.57 -14.81
N GLY A 224 -6.80 16.32 -14.97
CA GLY A 224 -7.80 15.80 -14.05
C GLY A 224 -9.15 15.46 -14.67
N GLN A 225 -9.46 16.07 -15.80
CA GLN A 225 -10.73 15.80 -16.48
C GLN A 225 -10.64 14.41 -17.13
N PRO A 226 -11.51 13.47 -16.70
CA PRO A 226 -11.50 12.12 -17.28
C PRO A 226 -11.67 12.07 -18.80
N PHE A 227 -11.11 11.06 -19.44
CA PHE A 227 -11.25 10.91 -20.88
C PHE A 227 -11.19 9.44 -21.27
N ASP A 228 -11.90 9.09 -22.34
CA ASP A 228 -11.94 7.71 -22.79
C ASP A 228 -10.88 7.31 -23.79
N TYR A 229 -10.52 6.04 -23.72
CA TYR A 229 -9.56 5.46 -24.62
C TYR A 229 -9.84 3.98 -24.67
N SER A 230 -9.89 3.43 -25.88
CA SER A 230 -10.15 2.03 -26.10
C SER A 230 -9.78 1.68 -27.53
N PRO A 231 -9.45 0.41 -27.80
CA PRO A 231 -9.43 -0.65 -26.78
C PRO A 231 -8.01 -0.87 -26.27
N ILE A 232 -7.91 -1.45 -25.08
CA ILE A 232 -6.63 -1.77 -24.48
C ILE A 232 -6.83 -3.22 -24.05
N ARG A 233 -5.81 -4.05 -24.23
CA ARG A 233 -5.90 -5.44 -23.82
C ARG A 233 -5.13 -5.63 -22.53
N PHE A 234 -5.78 -6.25 -21.55
CA PHE A 234 -5.20 -6.49 -20.23
C PHE A 234 -5.12 -8.00 -19.96
N ARG A 235 -3.97 -8.48 -19.53
CA ARG A 235 -3.80 -9.91 -19.27
C ARG A 235 -4.43 -10.38 -17.95
N THR A 236 -5.11 -11.51 -17.99
CA THR A 236 -5.72 -12.04 -16.79
C THR A 236 -4.85 -13.13 -16.18
N ARG A 237 -5.30 -13.67 -15.05
CA ARG A 237 -4.58 -14.70 -14.32
C ARG A 237 -4.31 -15.95 -15.17
N ASN A 238 -5.25 -16.30 -16.05
CA ASN A 238 -5.08 -17.49 -16.88
C ASN A 238 -4.30 -17.25 -18.18
N GLY A 239 -3.62 -16.11 -18.26
CA GLY A 239 -2.82 -15.81 -19.43
C GLY A 239 -3.59 -15.28 -20.62
N GLU A 240 -4.91 -15.23 -20.48
CA GLU A 240 -5.78 -14.76 -21.55
C GLU A 240 -6.02 -13.27 -21.37
N TYR A 241 -6.19 -12.57 -22.48
CA TYR A 241 -6.44 -11.13 -22.48
C TYR A 241 -7.91 -10.77 -22.60
N ILE A 242 -8.33 -9.72 -21.91
CA ILE A 242 -9.70 -9.24 -22.02
C ILE A 242 -9.56 -7.84 -22.61
N THR A 243 -10.54 -7.42 -23.40
CA THR A 243 -10.49 -6.11 -24.05
C THR A 243 -11.23 -5.10 -23.21
N LEU A 244 -10.52 -4.03 -22.86
CA LEU A 244 -11.07 -2.98 -22.02
C LEU A 244 -11.39 -1.68 -22.74
N ASP A 245 -12.40 -0.99 -22.21
CA ASP A 245 -12.82 0.33 -22.67
C ASP A 245 -12.46 1.10 -21.40
N THR A 246 -11.51 2.02 -21.49
CA THR A 246 -11.07 2.72 -20.31
C THR A 246 -11.26 4.20 -20.26
N SER A 247 -11.46 4.69 -19.05
CA SER A 247 -11.62 6.11 -18.79
C SER A 247 -10.45 6.44 -17.85
N TRP A 248 -9.61 7.40 -18.23
CA TRP A 248 -8.46 7.75 -17.43
C TRP A 248 -8.54 9.10 -16.71
N SER A 249 -7.98 9.15 -15.50
CA SER A 249 -7.96 10.37 -14.71
C SER A 249 -6.76 10.39 -13.76
N SER A 250 -6.56 11.50 -13.05
CA SER A 250 -5.43 11.59 -12.13
C SER A 250 -5.77 12.39 -10.90
N PHE A 251 -5.04 12.13 -9.82
CA PHE A 251 -5.21 12.89 -8.59
C PHE A 251 -4.00 13.81 -8.56
N ILE A 252 -4.23 15.12 -8.55
CA ILE A 252 -3.13 16.09 -8.53
C ILE A 252 -2.92 16.76 -7.18
N ASN A 253 -1.72 16.63 -6.64
CA ASN A 253 -1.40 17.26 -5.37
C ASN A 253 -1.65 18.77 -5.56
N PRO A 254 -2.61 19.34 -4.82
CA PRO A 254 -2.89 20.78 -4.97
C PRO A 254 -1.73 21.72 -4.62
N TRP A 255 -0.91 21.34 -3.65
CA TRP A 255 0.20 22.19 -3.23
C TRP A 255 1.43 22.12 -4.13
N SER A 256 1.75 20.94 -4.66
CA SER A 256 2.91 20.81 -5.53
C SER A 256 2.53 20.82 -6.99
N ARG A 257 1.27 20.55 -7.28
CA ARG A 257 0.79 20.50 -8.64
C ARG A 257 1.27 19.27 -9.39
N LYS A 258 1.93 18.35 -8.69
CA LYS A 258 2.41 17.13 -9.31
C LYS A 258 1.39 16.02 -9.13
N ILE A 259 1.28 15.18 -10.15
CA ILE A 259 0.36 14.04 -10.13
C ILE A 259 0.83 13.04 -9.09
N SER A 260 -0.08 12.62 -8.20
CA SER A 260 0.22 11.64 -7.15
C SER A 260 -0.24 10.23 -7.52
N PHE A 261 -1.37 10.13 -8.23
CA PHE A 261 -1.92 8.84 -8.66
C PHE A 261 -2.58 8.96 -10.02
N ILE A 262 -2.66 7.84 -10.73
CA ILE A 262 -3.33 7.77 -12.03
C ILE A 262 -4.44 6.77 -11.75
N ILE A 263 -5.69 7.13 -12.00
CA ILE A 263 -6.81 6.21 -11.77
C ILE A 263 -7.53 5.86 -13.04
N GLY A 264 -7.86 4.58 -13.20
CA GLY A 264 -8.55 4.15 -14.39
C GLY A 264 -9.81 3.39 -14.02
N ARG A 265 -10.87 3.61 -14.80
CA ARG A 265 -12.13 2.93 -14.56
C ARG A 265 -12.35 2.11 -15.81
N HIS A 266 -12.25 0.80 -15.66
CA HIS A 266 -12.36 -0.09 -16.81
C HIS A 266 -13.66 -0.84 -16.99
N LYS A 267 -14.01 -1.04 -18.25
CA LYS A 267 -15.22 -1.77 -18.61
C LYS A 267 -14.73 -2.84 -19.57
N VAL A 268 -14.89 -4.11 -19.17
CA VAL A 268 -14.46 -5.18 -20.03
C VAL A 268 -15.53 -5.40 -21.07
N ARG A 269 -15.19 -5.05 -22.31
CA ARG A 269 -16.09 -5.17 -23.42
C ARG A 269 -16.05 -6.58 -24.01
N VAL A 270 -14.91 -7.24 -23.89
CA VAL A 270 -14.76 -8.61 -24.38
C VAL A 270 -13.99 -9.45 -23.36
N GLY A 271 -14.68 -10.39 -22.74
CA GLY A 271 -14.07 -11.26 -21.76
C GLY A 271 -13.09 -12.21 -22.41
N PRO A 272 -12.44 -13.09 -21.63
CA PRO A 272 -11.47 -14.06 -22.14
C PRO A 272 -12.12 -15.24 -22.88
N LEU A 273 -11.30 -16.04 -23.55
CA LEU A 273 -11.81 -17.19 -24.29
C LEU A 273 -12.18 -18.30 -23.30
N ASN A 274 -11.40 -18.42 -22.22
CA ASN A 274 -11.65 -19.42 -21.16
C ASN A 274 -12.30 -18.68 -20.00
N GLU A 275 -13.55 -19.04 -19.71
CA GLU A 275 -14.32 -18.42 -18.64
C GLU A 275 -13.80 -18.48 -17.22
N ASP A 276 -13.02 -19.50 -16.88
CA ASP A 276 -12.49 -19.60 -15.51
C ASP A 276 -11.23 -18.74 -15.48
N VAL A 277 -11.39 -17.51 -15.01
CA VAL A 277 -10.27 -16.59 -14.97
C VAL A 277 -9.27 -16.85 -13.84
N PHE A 278 -9.63 -17.73 -12.91
CA PHE A 278 -8.74 -18.07 -11.80
C PHE A 278 -7.78 -19.22 -12.10
N ALA A 279 -8.05 -19.97 -13.17
CA ALA A 279 -7.18 -21.07 -13.55
C ALA A 279 -5.77 -20.53 -13.73
N ALA A 280 -4.80 -21.43 -13.94
CA ALA A 280 -3.41 -21.01 -14.12
C ALA A 280 -3.05 -20.98 -15.60
N PRO A 281 -2.04 -20.18 -15.98
CA PRO A 281 -1.62 -20.07 -17.38
C PRO A 281 -0.58 -21.14 -17.75
N PRO A 282 -0.70 -21.71 -18.96
CA PRO A 282 0.23 -22.75 -19.42
C PRO A 282 1.58 -22.14 -19.82
N CYS A 283 1.92 -21.03 -19.20
CA CYS A 283 3.18 -20.33 -19.48
C CYS A 283 4.02 -20.27 -18.21
N PRO A 284 5.32 -20.57 -18.30
CA PRO A 284 6.28 -20.57 -17.19
C PRO A 284 6.25 -19.29 -16.37
N GLU A 285 5.18 -19.12 -15.59
CA GLU A 285 4.99 -17.93 -14.75
C GLU A 285 5.46 -16.67 -15.46
N GLU A 286 5.68 -15.62 -14.68
CA GLU A 286 6.14 -14.35 -15.22
C GLU A 286 7.66 -14.39 -15.38
N LYS A 287 8.29 -13.22 -15.34
CA LYS A 287 9.73 -13.16 -15.47
C LYS A 287 10.33 -12.04 -14.65
N THR A 288 11.26 -11.32 -15.27
CA THR A 288 11.94 -10.20 -14.63
C THR A 288 12.52 -9.25 -15.68
N PRO A 289 13.09 -9.81 -16.77
CA PRO A 289 13.68 -9.00 -17.83
C PRO A 289 12.86 -7.75 -18.18
N HIS A 290 11.80 -7.92 -18.97
CA HIS A 290 10.97 -6.78 -19.35
C HIS A 290 11.85 -5.71 -20.01
N PRO A 291 12.60 -6.10 -21.05
CA PRO A 291 13.49 -5.17 -21.76
C PRO A 291 12.87 -3.80 -22.02
N SER A 292 11.83 -3.81 -22.85
CA SER A 292 11.14 -2.60 -23.23
C SER A 292 10.26 -2.01 -22.12
N VAL A 293 9.74 -2.85 -21.25
CA VAL A 293 8.89 -2.36 -20.16
C VAL A 293 9.65 -1.39 -19.26
N GLN A 294 10.86 -1.75 -18.87
CA GLN A 294 11.66 -0.89 -18.02
C GLN A 294 11.83 0.46 -18.70
N GLU A 295 12.24 0.43 -19.96
CA GLU A 295 12.45 1.62 -20.77
C GLU A 295 11.23 2.54 -20.82
N LEU A 296 10.10 1.95 -21.19
CA LEU A 296 8.85 2.70 -21.32
C LEU A 296 8.37 3.23 -19.97
N THR A 297 8.63 2.44 -18.92
CA THR A 297 8.24 2.81 -17.58
C THR A 297 8.95 4.07 -17.12
N GLU A 298 10.28 4.05 -17.10
CA GLU A 298 11.02 5.23 -16.65
C GLU A 298 10.70 6.44 -17.51
N GLN A 299 10.32 6.18 -18.75
CA GLN A 299 9.98 7.23 -19.71
C GLN A 299 8.70 7.93 -19.28
N ILE A 300 7.75 7.14 -18.77
CA ILE A 300 6.47 7.68 -18.31
C ILE A 300 6.65 8.40 -16.98
N HIS A 301 7.38 7.76 -16.06
CA HIS A 301 7.62 8.35 -14.75
C HIS A 301 8.24 9.73 -14.92
N ARG A 302 9.20 9.83 -15.84
CA ARG A 302 9.87 11.09 -16.11
C ARG A 302 8.80 12.12 -16.47
N LEU A 303 7.90 11.74 -17.36
CA LEU A 303 6.81 12.60 -17.80
C LEU A 303 5.95 13.11 -16.63
N LEU A 304 5.55 12.20 -15.74
CA LEU A 304 4.70 12.55 -14.61
C LEU A 304 5.39 13.36 -13.51
N MET A 305 6.67 13.66 -13.69
CA MET A 305 7.37 14.44 -12.68
C MET A 305 7.12 15.93 -12.87
N GLN A 306 6.58 16.32 -14.01
CA GLN A 306 6.33 17.74 -14.27
C GLN A 306 5.05 18.26 -13.64
N PRO A 307 5.13 19.45 -13.03
CA PRO A 307 3.96 20.06 -12.38
C PRO A 307 2.90 20.31 -13.45
N VAL A 308 1.64 20.05 -13.11
CA VAL A 308 0.55 20.25 -14.03
C VAL A 308 -0.03 21.63 -13.77
N PRO A 309 0.51 22.67 -14.41
CA PRO A 309 -0.02 24.02 -14.20
C PRO A 309 -1.42 24.15 -14.77
N ILE B 15 34.37 -0.79 -14.16
CA ILE B 15 33.73 -0.66 -12.82
C ILE B 15 33.90 0.78 -12.29
N THR B 16 32.86 1.28 -11.63
CA THR B 16 32.86 2.64 -11.08
C THR B 16 32.36 2.67 -9.64
N SER B 17 33.27 2.93 -8.69
CA SER B 17 32.89 2.99 -7.28
C SER B 17 32.67 4.44 -6.84
N GLU B 18 31.52 4.69 -6.21
CA GLU B 18 31.17 6.03 -5.73
C GLU B 18 31.18 7.07 -6.86
N TYR B 19 30.29 6.88 -7.82
CA TYR B 19 30.19 7.78 -8.97
C TYR B 19 29.55 9.13 -8.63
N ILE B 20 28.28 9.10 -8.25
CA ILE B 20 27.54 10.32 -7.93
C ILE B 20 28.09 11.13 -6.74
N VAL B 21 29.19 10.68 -6.17
CA VAL B 21 29.81 11.38 -5.04
C VAL B 21 31.20 10.85 -4.73
N ALA B 24 29.96 13.84 1.28
CA ALA B 24 30.50 13.46 2.58
C ALA B 24 29.40 12.91 3.52
N ASP B 25 29.81 12.17 4.54
CA ASP B 25 28.89 11.58 5.52
C ASP B 25 28.03 10.45 4.93
N MET B 26 27.96 10.39 3.61
CA MET B 26 27.18 9.37 2.92
C MET B 26 28.11 8.38 2.22
N PHE B 27 27.77 7.09 2.29
CA PHE B 27 28.57 6.04 1.67
C PHE B 27 27.82 5.42 0.49
N ALA B 28 28.30 4.29 0.01
CA ALA B 28 27.63 3.61 -1.09
C ALA B 28 27.96 2.12 -1.07
N VAL B 29 27.13 1.36 -1.77
CA VAL B 29 27.32 -0.08 -1.85
C VAL B 29 26.61 -0.66 -3.06
N ALA B 30 27.12 -1.79 -3.51
CA ALA B 30 26.56 -2.51 -4.64
C ALA B 30 26.28 -3.90 -4.08
N VAL B 31 25.06 -4.37 -4.25
CA VAL B 31 24.71 -5.68 -3.72
C VAL B 31 24.20 -6.62 -4.81
N SER B 32 24.67 -7.87 -4.75
CA SER B 32 24.26 -8.87 -5.72
C SER B 32 22.78 -9.16 -5.57
N LEU B 33 22.05 -9.14 -6.68
CA LEU B 33 20.63 -9.42 -6.64
C LEU B 33 20.39 -10.93 -6.58
N VAL B 34 21.44 -11.66 -6.21
CA VAL B 34 21.36 -13.11 -6.10
C VAL B 34 22.07 -13.58 -4.83
N SER B 35 22.94 -12.74 -4.29
CA SER B 35 23.68 -13.10 -3.09
C SER B 35 23.93 -11.94 -2.13
N GLY B 36 25.19 -11.50 -2.02
CA GLY B 36 25.52 -10.43 -1.08
C GLY B 36 26.28 -9.18 -1.51
N LYS B 37 27.06 -8.65 -0.57
CA LYS B 37 27.83 -7.41 -0.73
C LYS B 37 29.13 -7.48 -1.53
N ILE B 38 29.11 -6.91 -2.73
CA ILE B 38 30.27 -6.90 -3.59
C ILE B 38 31.14 -5.67 -3.32
N LEU B 39 30.58 -4.49 -3.59
CA LEU B 39 31.31 -3.25 -3.39
C LEU B 39 30.82 -2.44 -2.18
N TYR B 40 31.78 -1.88 -1.45
CA TYR B 40 31.52 -1.05 -0.29
C TYR B 40 32.56 0.06 -0.39
N ILE B 41 32.34 1.19 0.27
CA ILE B 41 33.33 2.26 0.17
C ILE B 41 33.65 3.04 1.45
N SER B 42 34.23 4.21 1.25
CA SER B 42 34.65 5.10 2.33
C SER B 42 33.67 5.26 3.47
N ASN B 43 34.05 4.77 4.64
CA ASN B 43 33.23 4.92 5.83
C ASN B 43 33.62 6.31 6.32
N GLN B 44 32.93 6.82 7.34
CA GLN B 44 33.26 8.15 7.86
C GLN B 44 32.65 8.42 9.23
N VAL B 45 31.39 8.04 9.41
CA VAL B 45 30.69 8.24 10.67
C VAL B 45 31.57 7.77 11.84
N ALA B 46 31.66 8.59 12.88
CA ALA B 46 32.46 8.27 14.05
C ALA B 46 31.97 7.06 14.84
N SER B 47 32.31 5.86 14.37
CA SER B 47 31.92 4.62 15.02
C SER B 47 32.29 3.38 14.18
N ILE B 48 33.48 2.85 14.42
CA ILE B 48 33.99 1.67 13.71
C ILE B 48 34.05 1.91 12.20
N ASP B 58 33.26 -9.32 3.53
CA ASP B 58 31.98 -9.07 2.88
C ASP B 58 30.94 -10.11 3.26
N ALA B 59 29.70 -9.67 3.47
CA ALA B 59 28.59 -10.55 3.84
C ALA B 59 27.27 -10.03 3.25
N LYS B 60 26.15 -10.62 3.66
CA LYS B 60 24.86 -10.18 3.16
C LYS B 60 24.64 -8.76 3.71
N PHE B 61 24.23 -7.84 2.84
CA PHE B 61 24.02 -6.47 3.27
C PHE B 61 22.97 -6.34 4.37
N VAL B 62 21.83 -7.01 4.17
CA VAL B 62 20.72 -6.96 5.12
C VAL B 62 21.10 -7.31 6.56
N GLU B 63 22.26 -7.94 6.74
CA GLU B 63 22.73 -8.32 8.07
C GLU B 63 22.97 -7.09 8.93
N PHE B 64 23.43 -6.02 8.29
CA PHE B 64 23.71 -4.75 8.96
C PHE B 64 22.42 -3.94 9.17
N LEU B 65 21.45 -4.14 8.28
CA LEU B 65 20.18 -3.42 8.37
C LEU B 65 19.44 -3.82 9.64
N ALA B 66 18.50 -2.97 10.06
CA ALA B 66 17.71 -3.28 11.23
C ALA B 66 16.71 -4.35 10.79
N PRO B 67 16.45 -5.35 11.63
CA PRO B 67 15.52 -6.43 11.32
C PRO B 67 14.22 -6.01 10.62
N HIS B 68 13.53 -5.06 11.23
CA HIS B 68 12.25 -4.57 10.74
C HIS B 68 12.30 -3.81 9.41
N ASP B 69 13.49 -3.70 8.83
CA ASP B 69 13.64 -2.98 7.57
C ASP B 69 14.10 -3.86 6.44
N VAL B 70 14.54 -5.07 6.78
CA VAL B 70 15.01 -6.02 5.78
C VAL B 70 13.99 -6.21 4.65
N SER B 71 12.72 -6.34 5.01
CA SER B 71 11.64 -6.53 4.03
C SER B 71 11.51 -5.28 3.15
N VAL B 72 11.71 -4.12 3.77
CA VAL B 72 11.63 -2.84 3.08
C VAL B 72 12.72 -2.79 2.03
N PHE B 73 13.95 -3.09 2.45
CA PHE B 73 15.09 -3.11 1.55
C PHE B 73 14.83 -4.07 0.37
N HIS B 74 14.31 -5.26 0.66
CA HIS B 74 14.02 -6.24 -0.39
C HIS B 74 12.95 -5.71 -1.36
N SER B 75 11.88 -5.17 -0.80
CA SER B 75 10.80 -4.64 -1.61
C SER B 75 11.26 -3.56 -2.58
N TYR B 76 12.06 -2.62 -2.09
CA TYR B 76 12.52 -1.53 -2.95
C TYR B 76 13.63 -1.93 -3.90
N THR B 77 14.14 -3.14 -3.75
CA THR B 77 15.21 -3.58 -4.64
C THR B 77 14.81 -4.78 -5.50
N THR B 78 13.53 -5.17 -5.51
CA THR B 78 13.15 -6.30 -6.36
C THR B 78 13.40 -5.78 -7.79
N PRO B 79 14.02 -6.61 -8.64
CA PRO B 79 14.34 -6.22 -10.02
C PRO B 79 13.30 -5.40 -10.81
N TYR B 80 12.02 -5.79 -10.77
CA TYR B 80 11.01 -5.09 -11.54
C TYR B 80 10.57 -3.74 -10.98
N LYS B 81 11.43 -3.12 -10.19
CA LYS B 81 11.13 -1.80 -9.62
C LYS B 81 12.32 -0.89 -9.84
N LEU B 82 13.51 -1.48 -9.85
CA LEU B 82 14.75 -0.73 -10.03
C LEU B 82 14.89 -0.11 -11.42
N PRO B 83 15.10 1.22 -11.47
CA PRO B 83 15.26 1.93 -12.74
C PRO B 83 16.61 1.61 -13.35
N MET B 99 16.97 13.26 -11.45
CA MET B 99 15.52 13.25 -11.31
C MET B 99 15.12 13.56 -9.86
N GLU B 100 13.96 13.05 -9.45
CA GLU B 100 13.44 13.27 -8.11
C GLU B 100 14.11 12.33 -7.10
N GLU B 101 14.67 11.23 -7.59
CA GLU B 101 15.34 10.24 -6.75
C GLU B 101 14.37 9.54 -5.79
N LYS B 102 13.55 8.64 -6.33
CA LYS B 102 12.58 7.91 -5.52
C LYS B 102 13.30 6.85 -4.71
N SER B 103 13.77 7.29 -3.55
CA SER B 103 14.52 6.47 -2.62
C SER B 103 13.61 5.81 -1.57
N PHE B 104 14.25 5.30 -0.52
CA PHE B 104 13.54 4.66 0.58
C PHE B 104 14.48 4.77 1.78
N PHE B 105 14.00 4.44 2.96
CA PHE B 105 14.82 4.53 4.16
C PHE B 105 14.84 3.24 4.94
N CYS B 106 15.89 3.08 5.74
CA CYS B 106 16.03 1.92 6.63
C CYS B 106 17.24 2.15 7.54
N ARG B 107 17.21 1.56 8.72
CA ARG B 107 18.29 1.71 9.70
C ARG B 107 19.41 0.68 9.56
N VAL B 108 20.65 1.16 9.53
CA VAL B 108 21.81 0.27 9.43
C VAL B 108 22.47 0.19 10.80
N SER B 109 23.15 -0.92 11.08
CA SER B 109 23.79 -1.15 12.38
C SER B 109 25.18 -0.55 12.50
N VAL B 110 25.62 -0.35 13.74
CA VAL B 110 26.93 0.21 14.01
C VAL B 110 27.58 -0.54 15.18
N GLY B 111 28.30 0.19 16.04
CA GLY B 111 28.95 -0.44 17.17
C GLY B 111 30.12 -1.34 16.78
N ARG B 119 23.14 0.19 18.61
CA ARG B 119 23.09 1.44 17.84
C ARG B 119 22.53 1.18 16.44
N TYR B 120 21.65 2.08 16.00
CA TYR B 120 21.02 2.01 14.67
C TYR B 120 20.83 3.42 14.14
N GLN B 121 21.16 3.65 12.87
CA GLN B 121 21.00 4.98 12.30
C GLN B 121 20.17 4.94 11.03
N PRO B 122 19.31 5.94 10.84
CA PRO B 122 18.43 6.05 9.67
C PRO B 122 19.21 6.48 8.45
N PHE B 123 18.96 5.82 7.33
CA PHE B 123 19.63 6.14 6.09
C PHE B 123 18.63 6.26 4.95
N ARG B 124 18.89 7.20 4.04
CA ARG B 124 18.04 7.38 2.87
C ARG B 124 18.82 6.71 1.75
N MET B 125 18.21 5.73 1.11
CA MET B 125 18.88 4.99 0.05
C MET B 125 18.16 5.06 -1.29
N THR B 126 18.95 5.23 -2.36
CA THR B 126 18.41 5.31 -3.70
C THR B 126 18.92 4.11 -4.49
N PRO B 127 18.01 3.20 -4.89
CA PRO B 127 18.36 1.99 -5.64
C PRO B 127 18.40 2.11 -7.17
N TYR B 128 19.51 1.67 -7.76
CA TYR B 128 19.73 1.70 -9.21
C TYR B 128 20.13 0.30 -9.68
N LEU B 129 19.50 -0.16 -10.77
CA LEU B 129 19.79 -1.49 -11.30
C LEU B 129 20.97 -1.52 -12.27
N VAL B 130 22.16 -1.84 -11.76
CA VAL B 130 23.34 -1.91 -12.60
C VAL B 130 23.51 -3.32 -13.19
N LYS B 131 23.62 -3.40 -14.51
CA LYS B 131 23.78 -4.69 -15.18
C LYS B 131 25.25 -4.98 -15.50
N GLU B 139 25.66 -9.53 -19.13
CA GLU B 139 26.28 -10.80 -19.49
C GLU B 139 27.23 -11.27 -18.38
N SER B 140 27.08 -10.71 -17.19
CA SER B 140 27.92 -11.08 -16.06
C SER B 140 27.19 -11.06 -14.72
N GLN B 141 27.33 -9.96 -13.98
CA GLN B 141 26.69 -9.83 -12.67
C GLN B 141 25.64 -8.72 -12.67
N LEU B 142 24.44 -9.04 -12.20
CA LEU B 142 23.35 -8.07 -12.14
C LEU B 142 23.22 -7.57 -10.69
N CYS B 143 23.61 -6.32 -10.48
CA CYS B 143 23.58 -5.75 -9.14
C CYS B 143 22.67 -4.56 -8.94
N CYS B 144 22.54 -4.17 -7.68
CA CYS B 144 21.74 -3.03 -7.28
C CYS B 144 22.70 -2.04 -6.62
N LEU B 145 22.93 -0.91 -7.28
CA LEU B 145 23.84 0.10 -6.74
C LEU B 145 23.04 0.99 -5.81
N LEU B 146 23.44 1.01 -4.54
CA LEU B 146 22.74 1.79 -3.53
C LEU B 146 23.52 2.99 -2.99
N LEU B 147 22.91 4.15 -3.12
CA LEU B 147 23.50 5.39 -2.64
C LEU B 147 22.90 5.62 -1.25
N ALA B 148 23.75 5.69 -0.23
CA ALA B 148 23.28 5.91 1.14
C ALA B 148 23.60 7.31 1.62
N GLU B 149 22.97 7.72 2.71
CA GLU B 149 23.18 9.05 3.26
C GLU B 149 22.52 9.21 4.63
N ARG B 150 23.33 9.31 5.68
CA ARG B 150 22.81 9.45 7.04
C ARG B 150 21.74 10.54 7.08
N VAL B 151 20.61 10.24 7.73
CA VAL B 151 19.52 11.20 7.85
C VAL B 151 19.66 11.97 9.16
N HIS B 152 19.72 13.29 9.09
CA HIS B 152 19.87 14.10 10.29
C HIS B 152 18.56 14.67 10.80
N SER B 153 18.43 14.73 12.12
CA SER B 153 17.24 15.27 12.74
C SER B 153 16.99 16.66 12.19
N GLY B 154 15.75 16.93 11.82
CA GLY B 154 15.41 18.24 11.28
C GLY B 154 15.67 19.35 12.29
N TYR B 155 15.72 18.99 13.57
CA TYR B 155 15.95 19.98 14.61
C TYR B 155 17.36 19.93 15.15
N GLU B 156 18.25 19.26 14.42
CA GLU B 156 19.65 19.11 14.84
C GLU B 156 20.51 20.19 14.21
N ALA B 157 21.83 20.09 14.41
CA ALA B 157 22.76 21.08 13.88
C ALA B 157 22.32 21.61 12.53
N PRO B 158 22.16 20.72 11.54
CA PRO B 158 21.73 21.18 10.21
C PRO B 158 20.23 21.46 10.18
N ARG B 159 19.68 21.95 11.29
CA ARG B 159 18.26 22.21 11.38
C ARG B 159 17.67 22.83 10.13
N ILE B 160 16.48 22.37 9.76
CA ILE B 160 15.78 22.85 8.60
C ILE B 160 15.08 24.17 8.97
N PRO B 161 15.34 25.24 8.21
CA PRO B 161 14.73 26.54 8.49
C PRO B 161 13.26 26.41 8.80
N PRO B 162 12.75 27.24 9.73
CA PRO B 162 11.33 27.21 10.12
C PRO B 162 10.35 27.00 8.98
N GLU B 163 10.27 27.97 8.07
CA GLU B 163 9.34 27.89 6.94
C GLU B 163 9.47 26.66 6.05
N LYS B 164 10.64 26.05 6.03
CA LYS B 164 10.84 24.86 5.22
C LYS B 164 10.54 23.55 5.95
N ARG B 165 10.21 23.63 7.23
CA ARG B 165 9.90 22.43 7.98
C ARG B 165 8.51 21.96 7.59
N ILE B 166 8.40 21.56 6.33
CA ILE B 166 7.13 21.13 5.78
C ILE B 166 7.14 19.69 5.29
N PHE B 167 6.10 18.94 5.63
CA PHE B 167 5.97 17.56 5.18
C PHE B 167 4.50 17.27 4.91
N THR B 168 4.21 16.19 4.20
CA THR B 168 2.81 15.86 3.87
C THR B 168 2.47 14.43 4.22
N THR B 169 1.18 14.15 4.40
CA THR B 169 0.75 12.81 4.71
C THR B 169 -0.53 12.46 3.94
N THR B 170 -0.69 11.18 3.63
CA THR B 170 -1.85 10.73 2.90
C THR B 170 -2.43 9.55 3.65
N HIS B 171 -3.76 9.47 3.71
CA HIS B 171 -4.40 8.33 4.36
C HIS B 171 -5.72 8.00 3.68
N THR B 172 -6.12 6.75 3.77
CA THR B 172 -7.34 6.28 3.15
C THR B 172 -8.55 6.55 4.03
N PRO B 173 -9.77 6.41 3.50
CA PRO B 173 -10.95 6.67 4.32
C PRO B 173 -10.98 5.96 5.68
N ASN B 174 -10.26 4.86 5.82
CA ASN B 174 -10.22 4.11 7.08
C ASN B 174 -9.23 4.72 8.07
N CYS B 175 -8.70 5.88 7.73
CA CYS B 175 -7.75 6.58 8.60
C CYS B 175 -6.49 5.83 8.98
N LEU B 176 -5.93 5.14 7.99
CA LEU B 176 -4.68 4.43 8.17
C LEU B 176 -3.78 5.07 7.13
N PHE B 177 -2.58 5.47 7.54
CA PHE B 177 -1.63 6.09 6.61
C PHE B 177 -1.39 5.21 5.38
N GLN B 178 -1.42 5.79 4.18
CA GLN B 178 -1.11 5.01 2.99
C GLN B 178 0.28 5.46 2.55
N ALA B 179 0.63 6.67 2.98
CA ALA B 179 1.93 7.23 2.64
C ALA B 179 2.32 8.35 3.59
N VAL B 180 3.61 8.67 3.56
CA VAL B 180 4.21 9.72 4.34
C VAL B 180 5.40 10.09 3.45
N ASP B 181 5.57 11.36 3.12
CA ASP B 181 6.67 11.71 2.24
C ASP B 181 8.04 11.83 2.94
N GLU B 182 9.09 11.84 2.12
CA GLU B 182 10.47 11.89 2.59
C GLU B 182 10.74 12.89 3.71
N ARG B 183 10.21 14.10 3.57
CA ARG B 183 10.41 15.15 4.57
C ARG B 183 9.82 14.80 5.93
N ALA B 184 8.94 13.81 5.97
CA ALA B 184 8.35 13.45 7.25
C ALA B 184 9.36 12.82 8.21
N VAL B 185 10.33 12.09 7.67
CA VAL B 185 11.34 11.40 8.47
C VAL B 185 12.21 12.30 9.36
N PRO B 186 12.89 13.29 8.78
CA PRO B 186 13.76 14.20 9.54
C PRO B 186 13.00 14.99 10.61
N LEU B 187 11.73 15.26 10.33
CA LEU B 187 10.88 16.05 11.22
C LEU B 187 10.08 15.25 12.24
N LEU B 188 9.93 13.95 12.02
CA LEU B 188 9.14 13.14 12.93
C LEU B 188 9.90 12.00 13.59
N GLY B 189 11.03 11.61 13.01
CA GLY B 189 11.78 10.53 13.60
C GLY B 189 11.40 9.16 13.09
N TYR B 190 10.22 9.02 12.47
CA TYR B 190 9.80 7.73 11.93
C TYR B 190 10.22 7.54 10.48
N LEU B 191 10.34 6.29 10.07
CA LEU B 191 10.63 6.00 8.67
C LEU B 191 9.23 5.74 8.09
N PRO B 192 9.02 5.96 6.79
CA PRO B 192 7.68 5.73 6.22
C PRO B 192 7.07 4.39 6.62
N GLN B 193 7.88 3.33 6.58
CA GLN B 193 7.41 2.00 6.93
C GLN B 193 6.85 1.89 8.35
N ASP B 194 7.21 2.82 9.24
CA ASP B 194 6.71 2.76 10.62
C ASP B 194 5.28 3.24 10.72
N LEU B 195 4.93 4.19 9.87
CA LEU B 195 3.60 4.77 9.90
C LEU B 195 2.64 4.21 8.87
N ILE B 196 3.14 3.66 7.78
CA ILE B 196 2.25 3.13 6.77
C ILE B 196 1.35 2.03 7.33
N GLU B 197 0.05 2.17 7.04
CA GLU B 197 -0.97 1.22 7.48
C GLU B 197 -1.31 1.32 8.96
N THR B 198 -0.79 2.34 9.65
CA THR B 198 -1.11 2.51 11.06
C THR B 198 -2.18 3.57 11.20
N PRO B 199 -2.89 3.57 12.33
CA PRO B 199 -3.97 4.54 12.60
C PRO B 199 -3.46 5.97 12.76
N VAL B 200 -3.89 6.87 11.89
CA VAL B 200 -3.46 8.27 11.94
C VAL B 200 -3.81 8.90 13.28
N LEU B 201 -4.95 8.54 13.83
CA LEU B 201 -5.41 9.07 15.11
C LEU B 201 -4.47 8.71 16.27
N VAL B 202 -4.02 7.47 16.30
CA VAL B 202 -3.13 7.06 17.37
C VAL B 202 -1.98 8.04 17.52
N GLN B 203 -1.58 8.68 16.41
CA GLN B 203 -0.47 9.62 16.43
C GLN B 203 -0.79 11.03 16.92
N LEU B 204 -2.07 11.37 17.00
CA LEU B 204 -2.43 12.71 17.47
C LEU B 204 -2.55 12.74 19.00
N HIS B 205 -2.28 13.91 19.57
CA HIS B 205 -2.37 14.09 21.02
C HIS B 205 -3.79 13.66 21.36
N PRO B 206 -3.97 12.92 22.46
CA PRO B 206 -5.29 12.45 22.88
C PRO B 206 -6.31 13.59 22.94
N SER B 207 -5.81 14.80 23.16
CA SER B 207 -6.68 15.95 23.24
C SER B 207 -7.19 16.39 21.86
N ASP B 208 -6.29 16.42 20.87
CA ASP B 208 -6.68 16.84 19.52
C ASP B 208 -7.48 15.81 18.73
N ARG B 209 -7.49 14.56 19.19
CA ARG B 209 -8.23 13.52 18.47
C ARG B 209 -9.66 13.83 18.06
N PRO B 210 -10.46 14.39 18.98
CA PRO B 210 -11.84 14.70 18.59
C PRO B 210 -11.96 15.71 17.45
N LEU B 211 -11.02 16.65 17.40
CA LEU B 211 -11.02 17.68 16.37
C LEU B 211 -10.94 17.06 14.97
N MET B 212 -10.57 15.78 14.93
CA MET B 212 -10.41 15.03 13.69
C MET B 212 -11.74 14.67 13.04
N LEU B 213 -12.81 14.63 13.84
CA LEU B 213 -14.12 14.31 13.27
C LEU B 213 -14.63 15.54 12.55
N ALA B 214 -14.34 16.71 13.13
CA ALA B 214 -14.78 17.98 12.56
C ALA B 214 -13.99 18.31 11.30
N ILE B 215 -12.69 18.09 11.35
CA ILE B 215 -11.83 18.37 10.22
C ILE B 215 -12.23 17.55 9.01
N HIS B 216 -12.60 16.28 9.22
CA HIS B 216 -13.00 15.44 8.11
C HIS B 216 -14.36 15.87 7.55
N LYS B 217 -15.26 16.32 8.42
CA LYS B 217 -16.56 16.78 7.97
C LYS B 217 -16.36 17.96 7.00
N LYS B 218 -15.51 18.89 7.39
CA LYS B 218 -15.22 20.05 6.53
C LYS B 218 -14.56 19.57 5.25
N ILE B 219 -13.70 18.56 5.38
CA ILE B 219 -13.00 18.00 4.23
C ILE B 219 -14.05 17.50 3.25
N LEU B 220 -15.09 16.87 3.80
CA LEU B 220 -16.19 16.35 2.99
C LEU B 220 -16.93 17.52 2.34
N GLN B 221 -17.21 18.55 3.14
CA GLN B 221 -17.90 19.73 2.67
C GLN B 221 -17.06 20.54 1.70
N ALA B 222 -15.74 20.45 1.83
CA ALA B 222 -14.84 21.21 0.96
C ALA B 222 -14.74 20.73 -0.47
N GLY B 223 -15.15 19.48 -0.71
CA GLY B 223 -15.09 18.94 -2.06
C GLY B 223 -13.73 19.03 -2.75
N GLY B 224 -12.65 19.12 -1.99
CA GLY B 224 -11.34 19.20 -2.61
C GLY B 224 -10.64 20.54 -2.37
N GLN B 225 -11.41 21.56 -2.02
CA GLN B 225 -10.85 22.89 -1.76
C GLN B 225 -10.05 22.86 -0.47
N PRO B 226 -8.73 23.09 -0.57
CA PRO B 226 -7.85 23.10 0.60
C PRO B 226 -8.21 24.14 1.64
N PHE B 227 -7.96 23.83 2.91
CA PHE B 227 -8.19 24.78 3.99
C PHE B 227 -7.17 24.57 5.13
N ASP B 228 -6.87 25.65 5.87
CA ASP B 228 -5.91 25.59 6.97
C ASP B 228 -6.64 25.33 8.29
N TYR B 229 -6.03 24.56 9.17
CA TYR B 229 -6.66 24.29 10.44
C TYR B 229 -5.76 24.66 11.61
N SER B 230 -6.38 25.07 12.71
CA SER B 230 -5.68 25.47 13.94
C SER B 230 -4.60 24.46 14.29
N PRO B 231 -3.92 24.63 15.42
CA PRO B 231 -2.87 23.66 15.76
C PRO B 231 -3.35 22.26 16.13
N ILE B 232 -2.64 21.25 15.65
CA ILE B 232 -2.95 19.86 16.00
C ILE B 232 -1.62 19.31 16.48
N ARG B 233 -1.66 18.51 17.54
CA ARG B 233 -0.43 17.93 18.09
C ARG B 233 -0.13 16.53 17.58
N PHE B 234 1.08 16.36 17.06
CA PHE B 234 1.54 15.10 16.49
C PHE B 234 2.70 14.47 17.28
N ARG B 235 2.55 13.19 17.61
CA ARG B 235 3.57 12.47 18.37
C ARG B 235 4.76 12.07 17.49
N THR B 236 5.97 12.35 17.95
CA THR B 236 7.15 11.99 17.18
C THR B 236 7.73 10.67 17.73
N ARG B 237 8.76 10.17 17.07
CA ARG B 237 9.39 8.91 17.46
C ARG B 237 9.93 8.86 18.88
N ASN B 238 10.57 9.94 19.36
CA ASN B 238 11.12 9.93 20.71
C ASN B 238 10.07 10.09 21.80
N GLY B 239 8.81 10.19 21.40
CA GLY B 239 7.73 10.33 22.38
C GLY B 239 7.22 11.73 22.59
N GLU B 240 7.88 12.73 22.00
CA GLU B 240 7.46 14.12 22.17
C GLU B 240 6.47 14.57 21.09
N TYR B 241 5.63 15.53 21.46
CA TYR B 241 4.64 16.08 20.55
C TYR B 241 5.10 17.38 19.92
N ILE B 242 4.93 17.49 18.61
CA ILE B 242 5.25 18.70 17.89
C ILE B 242 3.89 19.28 17.52
N THR B 243 3.83 20.60 17.35
CA THR B 243 2.59 21.28 17.01
C THR B 243 2.56 21.66 15.53
N LEU B 244 1.47 21.33 14.85
CA LEU B 244 1.38 21.58 13.43
C LEU B 244 0.28 22.51 12.91
N ASP B 245 0.62 23.25 11.86
CA ASP B 245 -0.31 24.13 11.18
C ASP B 245 -0.61 23.21 9.99
N THR B 246 -1.85 22.74 9.88
CA THR B 246 -2.18 21.80 8.82
C THR B 246 -3.11 22.29 7.72
N SER B 247 -2.78 21.95 6.47
CA SER B 247 -3.61 22.29 5.31
C SER B 247 -4.21 20.95 4.87
N TRP B 248 -5.53 20.84 4.85
CA TRP B 248 -6.16 19.60 4.46
C TRP B 248 -6.87 19.64 3.10
N SER B 249 -6.89 18.50 2.43
CA SER B 249 -7.57 18.38 1.15
C SER B 249 -7.95 16.91 0.91
N SER B 250 -8.48 16.61 -0.27
CA SER B 250 -8.85 15.24 -0.57
C SER B 250 -8.85 14.92 -2.05
N PHE B 251 -8.71 13.63 -2.35
CA PHE B 251 -8.74 13.14 -3.72
C PHE B 251 -10.07 12.40 -3.84
N ILE B 252 -10.94 12.94 -4.70
CA ILE B 252 -12.27 12.40 -4.92
C ILE B 252 -12.35 11.55 -6.18
N ASN B 253 -12.73 10.29 -6.06
CA ASN B 253 -12.88 9.45 -7.24
C ASN B 253 -13.91 10.19 -8.13
N PRO B 254 -13.56 10.46 -9.39
CA PRO B 254 -14.44 11.17 -10.34
C PRO B 254 -15.71 10.47 -10.81
N TRP B 255 -15.82 9.17 -10.55
CA TRP B 255 -16.98 8.42 -11.02
C TRP B 255 -17.97 8.12 -9.92
N SER B 256 -17.48 7.74 -8.75
CA SER B 256 -18.36 7.42 -7.64
C SER B 256 -18.51 8.64 -6.71
N ARG B 257 -17.70 9.66 -6.96
CA ARG B 257 -17.71 10.89 -6.16
C ARG B 257 -17.35 10.70 -4.71
N LYS B 258 -16.72 9.57 -4.37
CA LYS B 258 -16.31 9.31 -3.00
C LYS B 258 -14.84 9.64 -2.82
N ILE B 259 -14.45 10.01 -1.61
CA ILE B 259 -13.06 10.33 -1.33
C ILE B 259 -12.22 9.05 -1.25
N SER B 260 -11.12 9.04 -2.00
CA SER B 260 -10.21 7.91 -2.04
C SER B 260 -9.03 8.17 -1.11
N PHE B 261 -8.56 9.42 -1.06
CA PHE B 261 -7.45 9.77 -0.18
C PHE B 261 -7.59 11.15 0.43
N ILE B 262 -7.19 11.28 1.69
CA ILE B 262 -7.18 12.55 2.39
C ILE B 262 -5.71 12.93 2.42
N ILE B 263 -5.39 14.13 1.94
CA ILE B 263 -3.99 14.59 1.93
C ILE B 263 -3.79 15.81 2.83
N GLY B 264 -2.72 15.80 3.60
CA GLY B 264 -2.46 16.91 4.50
C GLY B 264 -1.07 17.45 4.31
N ARG B 265 -0.93 18.76 4.28
CA ARG B 265 0.37 19.39 4.13
C ARG B 265 0.59 20.09 5.46
N HIS B 266 1.64 19.68 6.18
CA HIS B 266 1.90 20.23 7.49
C HIS B 266 3.18 21.05 7.59
N LYS B 267 3.12 22.06 8.45
CA LYS B 267 4.24 22.95 8.71
C LYS B 267 4.53 22.79 10.18
N VAL B 268 5.79 22.57 10.54
CA VAL B 268 6.15 22.42 11.93
C VAL B 268 6.44 23.79 12.54
N ARG B 269 5.53 24.29 13.38
CA ARG B 269 5.69 25.59 14.02
C ARG B 269 6.30 25.53 15.42
N VAL B 270 6.39 24.32 15.98
CA VAL B 270 6.96 24.09 17.31
C VAL B 270 7.57 22.70 17.37
N GLY B 271 8.90 22.64 17.36
CA GLY B 271 9.57 21.36 17.42
C GLY B 271 9.60 20.78 18.81
N PRO B 272 10.32 19.67 19.00
CA PRO B 272 10.41 19.03 20.31
C PRO B 272 11.58 19.58 21.14
N LEU B 273 11.48 19.42 22.46
CA LEU B 273 12.52 19.89 23.36
C LEU B 273 13.83 19.14 23.10
N ASN B 274 13.76 17.82 23.02
CA ASN B 274 14.94 17.00 22.73
C ASN B 274 15.11 17.02 21.21
N GLU B 275 16.11 17.76 20.74
CA GLU B 275 16.37 17.90 19.31
C GLU B 275 16.59 16.62 18.51
N ASP B 276 16.91 15.52 19.20
CA ASP B 276 17.14 14.25 18.51
C ASP B 276 15.82 13.48 18.45
N VAL B 277 15.12 13.65 17.33
CA VAL B 277 13.82 13.03 17.10
C VAL B 277 13.84 11.52 16.81
N PHE B 278 15.01 10.99 16.50
CA PHE B 278 15.13 9.56 16.21
C PHE B 278 15.31 8.69 17.44
N ALA B 279 15.69 9.31 18.56
CA ALA B 279 15.91 8.59 19.80
C ALA B 279 14.65 7.84 20.24
N ALA B 280 14.84 6.81 21.06
CA ALA B 280 13.73 6.01 21.57
C ALA B 280 12.91 6.81 22.59
N PRO B 281 11.64 6.45 22.74
CA PRO B 281 10.75 7.13 23.67
C PRO B 281 10.84 6.64 25.11
N PRO B 282 11.05 7.57 26.07
CA PRO B 282 11.16 7.25 27.49
C PRO B 282 9.83 6.83 28.11
N CYS B 283 9.16 5.88 27.46
CA CYS B 283 7.87 5.37 27.94
C CYS B 283 7.43 4.21 27.06
N PRO B 284 6.71 3.24 27.64
CA PRO B 284 6.23 2.07 26.89
C PRO B 284 5.62 2.43 25.52
N GLU B 285 5.71 1.50 24.58
CA GLU B 285 5.18 1.71 23.23
C GLU B 285 3.76 1.16 23.11
N PRO B 291 -9.33 1.88 22.15
CA PRO B 291 -10.77 1.61 22.01
C PRO B 291 -11.55 2.83 21.53
N SER B 292 -11.24 3.99 22.12
CA SER B 292 -11.92 5.23 21.74
C SER B 292 -11.33 5.68 20.41
N VAL B 293 -10.08 5.28 20.16
CA VAL B 293 -9.43 5.61 18.91
C VAL B 293 -10.05 4.71 17.86
N GLN B 294 -10.29 3.47 18.24
CA GLN B 294 -10.89 2.49 17.34
C GLN B 294 -12.31 2.91 16.97
N GLU B 295 -13.08 3.33 17.95
CA GLU B 295 -14.46 3.75 17.70
C GLU B 295 -14.52 5.05 16.90
N LEU B 296 -13.72 6.03 17.31
CA LEU B 296 -13.70 7.32 16.62
C LEU B 296 -13.38 7.09 15.14
N THR B 297 -12.38 6.26 14.89
CA THR B 297 -11.97 5.94 13.53
C THR B 297 -13.16 5.40 12.73
N GLU B 298 -14.03 4.66 13.39
CA GLU B 298 -15.19 4.10 12.71
C GLU B 298 -16.20 5.19 12.34
N GLN B 299 -16.20 6.29 13.10
CA GLN B 299 -17.12 7.39 12.80
C GLN B 299 -16.63 8.10 11.55
N ILE B 300 -15.37 8.54 11.60
CA ILE B 300 -14.76 9.24 10.47
C ILE B 300 -14.83 8.38 9.22
N HIS B 301 -14.66 7.07 9.38
CA HIS B 301 -14.69 6.14 8.26
C HIS B 301 -16.09 6.10 7.64
N ARG B 302 -17.09 5.89 8.49
CA ARG B 302 -18.49 5.85 8.04
C ARG B 302 -18.84 7.15 7.33
N LEU B 303 -18.50 8.25 7.98
CA LEU B 303 -18.75 9.59 7.47
C LEU B 303 -18.25 9.80 6.05
N LEU B 304 -17.05 9.29 5.75
CA LEU B 304 -16.45 9.43 4.43
C LEU B 304 -17.09 8.62 3.29
N MET B 305 -18.02 7.74 3.62
CA MET B 305 -18.70 6.93 2.61
C MET B 305 -19.68 7.79 1.81
N GLN B 306 -19.94 8.99 2.29
CA GLN B 306 -20.86 9.92 1.64
C GLN B 306 -20.25 10.57 0.40
N PRO B 307 -20.97 10.57 -0.73
CA PRO B 307 -20.48 11.17 -1.97
C PRO B 307 -20.40 12.68 -1.94
N VAL B 308 -19.75 13.26 -2.94
CA VAL B 308 -19.58 14.72 -3.04
C VAL B 308 -19.12 15.17 -4.43
N PRO B 309 -20.06 15.61 -5.29
CA PRO B 309 -21.49 15.67 -5.01
C PRO B 309 -22.24 14.50 -5.65
#